data_7CMJ
#
_entry.id   7CMJ
#
_cell.length_a   80.800
_cell.length_b   80.800
_cell.length_c   344.321
_cell.angle_alpha   90.00
_cell.angle_beta   90.00
_cell.angle_gamma   120.00
#
_symmetry.space_group_name_H-M   'P 65 2 2'
#
loop_
_entity.id
_entity.type
_entity.pdbx_description
1 polymer 'Hypoxanthine phosphoribosyltransferase'
2 non-polymer 'MAGNESIUM ION'
3 non-polymer 'BARIUM ION'
4 non-polymer 'PHOSPHATE ION'
5 non-polymer DI(HYDROXYETHYL)ETHER
6 non-polymer 'TETRAETHYLENE GLYCOL'
7 non-polymer 'CHLORIDE ION'
8 water water
#
_entity_poly.entity_id   1
_entity_poly.type   'polypeptide(L)'
_entity_poly.pdbx_seq_one_letter_code
;MSNSAKSPSGPVGDEGRRNYPMSAHTLVTQEQVWAATAKCAKKIAEDYRSFKLTTDNPLYLLCVLKGSFIFTADLARFLA
DEGVPVKVEFICASSYGTGVETSGQVRMLLDVRDSVENRHILIVEDIVDSAITLQYLMRFMLAKKPASLKTVVLLDKPSG
RKVEVLVDYPVITIPHAFVIGYGMDYAESYRELRDICVLKKEYYEKPESKV
;
_entity_poly.pdbx_strand_id   A,B
#
loop_
_chem_comp.id
_chem_comp.type
_chem_comp.name
_chem_comp.formula
BA non-polymer 'BARIUM ION' 'Ba 2'
CL non-polymer 'CHLORIDE ION' 'Cl -1'
MG non-polymer 'MAGNESIUM ION' 'Mg 2'
PEG non-polymer DI(HYDROXYETHYL)ETHER 'C4 H10 O3'
PG4 non-polymer 'TETRAETHYLENE GLYCOL' 'C8 H18 O5'
PO4 non-polymer 'PHOSPHATE ION' 'O4 P -3'
#
# COMPACT_ATOMS: atom_id res chain seq x y z
N TYR A 20 -3.46 10.73 20.32
CA TYR A 20 -4.51 9.98 19.62
C TYR A 20 -5.76 9.75 20.51
N PRO A 21 -6.89 10.33 20.11
CA PRO A 21 -8.07 10.32 21.00
C PRO A 21 -8.79 8.99 21.10
N MET A 22 -8.72 8.19 20.03
CA MET A 22 -9.46 6.91 20.00
C MET A 22 -8.61 5.77 20.55
N SER A 23 -7.46 6.09 21.15
CA SER A 23 -6.51 5.10 21.61
C SER A 23 -6.54 5.02 23.14
N ALA A 24 -6.82 3.83 23.66
CA ALA A 24 -6.66 3.59 25.09
C ALA A 24 -5.19 3.54 25.46
N HIS A 25 -4.49 2.49 25.03
CA HIS A 25 -3.05 2.40 25.17
C HIS A 25 -2.41 2.65 23.81
N THR A 26 -1.16 3.06 23.83
CA THR A 26 -0.29 2.95 22.67
C THR A 26 0.56 1.70 22.82
N LEU A 27 0.51 0.83 21.81
CA LEU A 27 1.13 -0.52 21.84
C LEU A 27 2.56 -0.53 21.31
N VAL A 28 2.78 -0.02 20.12
CA VAL A 28 4.12 0.15 19.56
C VAL A 28 4.14 1.46 18.79
N THR A 29 5.17 2.26 19.03
CA THR A 29 5.25 3.55 18.36
C THR A 29 5.89 3.38 17.00
N GLN A 30 5.62 4.35 16.12
CA GLN A 30 6.24 4.38 14.81
C GLN A 30 7.73 4.08 14.87
N GLU A 31 8.44 4.81 15.73
CA GLU A 31 9.88 4.61 15.86
C GLU A 31 10.21 3.19 16.32
N GLN A 32 9.41 2.65 17.23
CA GLN A 32 9.63 1.27 17.67
C GLN A 32 9.38 0.28 16.53
N VAL A 33 8.36 0.52 15.73
CA VAL A 33 8.05 -0.38 14.63
C VAL A 33 9.17 -0.40 13.60
N TRP A 34 9.65 0.80 13.22
CA TRP A 34 10.73 0.88 12.24
C TRP A 34 11.95 0.10 12.71
N ALA A 35 12.43 0.40 13.92
CA ALA A 35 13.58 -0.29 14.49
C ALA A 35 13.40 -1.80 14.45
N ALA A 36 12.21 -2.29 14.82
CA ALA A 36 11.96 -3.72 14.71
C ALA A 36 12.03 -4.17 13.25
N THR A 37 11.48 -3.37 12.33
CA THR A 37 11.44 -3.81 10.94
C THR A 37 12.84 -3.77 10.32
N ALA A 38 13.64 -2.77 10.68
CA ALA A 38 15.03 -2.76 10.23
C ALA A 38 15.79 -4.01 10.67
N LYS A 39 15.58 -4.42 11.93
CA LYS A 39 16.19 -5.64 12.42
C LYS A 39 15.71 -6.85 11.63
N CYS A 40 14.40 -6.92 11.37
CA CYS A 40 13.87 -8.04 10.61
C CYS A 40 14.42 -8.05 9.19
N ALA A 41 14.51 -6.90 8.56
CA ALA A 41 15.03 -6.82 7.19
C ALA A 41 16.47 -7.33 7.14
N LYS A 42 17.26 -7.08 8.19
CA LYS A 42 18.66 -7.56 8.17
C LYS A 42 18.67 -9.06 8.36
N LYS A 43 17.73 -9.58 9.14
CA LYS A 43 17.62 -11.04 9.31
C LYS A 43 17.22 -11.63 7.97
N ILE A 44 16.27 -11.02 7.29
CA ILE A 44 15.88 -11.54 5.98
C ILE A 44 17.06 -11.50 5.01
N ALA A 45 17.80 -10.37 4.97
CA ALA A 45 18.91 -10.24 4.03
C ALA A 45 20.02 -11.24 4.31
N GLU A 46 20.23 -11.60 5.57
CA GLU A 46 21.20 -12.65 5.87
C GLU A 46 20.71 -14.01 5.38
N ASP A 47 19.41 -14.28 5.53
CA ASP A 47 18.89 -15.62 5.22
C ASP A 47 18.87 -15.91 3.72
N TYR A 48 18.72 -14.88 2.88
CA TYR A 48 18.67 -15.05 1.43
C TYR A 48 20.00 -14.71 0.75
N ARG A 49 21.08 -14.48 1.50
CA ARG A 49 22.36 -14.22 0.87
C ARG A 49 22.79 -15.40 -0.01
N SER A 50 22.58 -16.62 0.49
CA SER A 50 22.97 -17.80 -0.26
C SER A 50 22.20 -17.94 -1.57
N PHE A 51 21.03 -17.33 -1.66
CA PHE A 51 20.19 -17.59 -2.82
C PHE A 51 20.56 -16.74 -4.03
N LYS A 52 21.58 -15.89 -3.91
CA LYS A 52 22.04 -15.07 -5.02
C LYS A 52 20.86 -14.35 -5.68
N LEU A 53 20.25 -13.46 -4.91
CA LEU A 53 19.14 -12.69 -5.46
C LEU A 53 19.67 -11.58 -6.35
N THR A 54 19.08 -11.46 -7.54
CA THR A 54 19.40 -10.51 -8.59
C THR A 54 18.22 -9.55 -8.74
N THR A 55 18.42 -8.53 -9.56
CA THR A 55 17.26 -7.76 -10.03
C THR A 55 16.31 -8.66 -10.82
N ASP A 56 16.86 -9.53 -11.67
CA ASP A 56 16.05 -10.43 -12.49
C ASP A 56 15.53 -11.64 -11.73
N ASN A 57 16.03 -11.91 -10.52
CA ASN A 57 15.47 -12.94 -9.65
C ASN A 57 15.41 -12.37 -8.24
N PRO A 58 14.45 -11.48 -7.97
CA PRO A 58 14.42 -10.80 -6.67
C PRO A 58 13.54 -11.52 -5.66
N LEU A 59 13.38 -10.91 -4.50
CA LEU A 59 12.42 -11.36 -3.49
C LEU A 59 11.11 -10.63 -3.74
N TYR A 60 10.03 -11.39 -3.90
CA TYR A 60 8.72 -10.80 -4.18
C TYR A 60 7.96 -10.54 -2.88
N LEU A 61 7.50 -9.32 -2.71
CA LEU A 61 6.71 -8.96 -1.54
C LEU A 61 5.23 -9.07 -1.88
N LEU A 62 4.54 -9.99 -1.22
CA LEU A 62 3.13 -10.23 -1.47
C LEU A 62 2.31 -9.46 -0.44
N CYS A 63 1.91 -8.24 -0.80
CA CYS A 63 1.14 -7.40 0.09
C CYS A 63 -0.33 -7.86 0.09
N VAL A 64 -0.75 -8.45 1.21
CA VAL A 64 -2.16 -8.77 1.39
C VAL A 64 -2.90 -7.49 1.73
N LEU A 65 -3.83 -7.10 0.87
CA LEU A 65 -4.57 -5.87 1.10
C LEU A 65 -5.72 -6.09 2.07
N LYS A 66 -6.10 -5.05 2.80
CA LYS A 66 -5.45 -3.74 2.77
C LYS A 66 -4.38 -3.57 3.85
N GLY A 67 -4.55 -4.26 4.97
CA GLY A 67 -3.81 -3.97 6.20
C GLY A 67 -2.30 -3.95 6.07
N SER A 68 -1.74 -4.65 5.08
CA SER A 68 -0.28 -4.77 4.98
C SER A 68 0.37 -3.60 4.25
N PHE A 69 -0.41 -2.64 3.76
CA PHE A 69 0.15 -1.76 2.74
C PHE A 69 1.13 -0.75 3.32
N ILE A 70 0.83 -0.14 4.45
CA ILE A 70 1.83 0.72 5.04
C ILE A 70 3.04 -0.10 5.44
N PHE A 71 2.80 -1.26 6.05
CA PHE A 71 3.91 -2.11 6.47
C PHE A 71 4.76 -2.55 5.29
N THR A 72 4.09 -2.85 4.15
CA THR A 72 4.83 -3.23 2.94
C THR A 72 5.70 -2.06 2.47
N ALA A 73 5.11 -0.86 2.42
CA ALA A 73 5.86 0.30 1.92
C ALA A 73 7.09 0.57 2.77
N ASP A 74 6.97 0.46 4.10
CA ASP A 74 8.17 0.66 4.91
C ASP A 74 9.12 -0.53 4.82
N LEU A 75 8.60 -1.76 4.87
CA LEU A 75 9.50 -2.92 4.86
C LEU A 75 10.30 -2.98 3.58
N ALA A 76 9.67 -2.66 2.45
CA ALA A 76 10.41 -2.64 1.19
C ALA A 76 11.59 -1.68 1.26
N ARG A 77 11.41 -0.51 1.89
CA ARG A 77 12.51 0.47 1.97
C ARG A 77 13.58 0.03 2.97
N PHE A 78 13.21 -0.75 3.99
CA PHE A 78 14.24 -1.30 4.86
C PHE A 78 15.01 -2.40 4.13
N LEU A 79 14.32 -3.17 3.27
CA LEU A 79 15.02 -4.14 2.45
C LEU A 79 15.96 -3.45 1.47
N ALA A 80 15.56 -2.29 0.94
CA ALA A 80 16.44 -1.51 0.11
C ALA A 80 17.72 -1.11 0.84
N ASP A 81 17.59 -0.70 2.11
CA ASP A 81 18.78 -0.45 2.93
C ASP A 81 19.68 -1.68 3.02
N GLU A 82 19.08 -2.86 3.14
CA GLU A 82 19.88 -4.09 3.24
C GLU A 82 20.46 -4.54 1.91
N GLY A 83 20.14 -3.85 0.81
CA GLY A 83 20.67 -4.20 -0.49
C GLY A 83 19.99 -5.36 -1.16
N VAL A 84 18.75 -5.65 -0.79
CA VAL A 84 18.01 -6.80 -1.29
C VAL A 84 17.13 -6.34 -2.45
N PRO A 85 17.23 -6.97 -3.63
CA PRO A 85 16.35 -6.58 -4.74
C PRO A 85 14.93 -7.09 -4.50
N VAL A 86 13.95 -6.20 -4.72
CA VAL A 86 12.53 -6.47 -4.45
C VAL A 86 11.67 -6.28 -5.70
N LYS A 87 10.55 -7.01 -5.74
CA LYS A 87 9.37 -6.63 -6.51
C LYS A 87 8.17 -6.74 -5.59
N VAL A 88 7.08 -6.04 -5.94
CA VAL A 88 5.89 -6.01 -5.10
C VAL A 88 4.67 -6.45 -5.89
N GLU A 89 3.93 -7.39 -5.34
CA GLU A 89 2.65 -7.80 -5.88
C GLU A 89 1.58 -7.64 -4.80
N PHE A 90 0.37 -7.33 -5.22
CA PHE A 90 -0.75 -7.18 -4.30
C PHE A 90 -1.82 -8.21 -4.60
N ILE A 91 -2.40 -8.75 -3.54
CA ILE A 91 -3.60 -9.57 -3.68
C ILE A 91 -4.66 -9.00 -2.75
N CYS A 92 -5.91 -9.28 -3.09
CA CYS A 92 -7.02 -8.82 -2.27
C CYS A 92 -8.08 -9.90 -2.28
N ALA A 93 -8.48 -10.34 -1.11
CA ALA A 93 -9.44 -11.42 -1.00
C ALA A 93 -10.59 -10.99 -0.09
N SER A 94 -11.78 -11.42 -0.47
CA SER A 94 -12.99 -11.16 0.31
C SER A 94 -13.37 -12.44 1.04
N SER A 95 -13.90 -12.30 2.25
CA SER A 95 -14.36 -13.48 2.98
C SER A 95 -15.70 -13.96 2.45
N TYR A 96 -15.98 -15.24 2.64
CA TYR A 96 -17.27 -15.79 2.25
C TYR A 96 -18.25 -15.74 3.42
N GLY A 97 -19.54 -15.65 3.08
CA GLY A 97 -20.55 -15.56 4.13
C GLY A 97 -20.72 -16.84 4.93
N THR A 98 -20.45 -17.99 4.32
CA THR A 98 -20.75 -19.28 4.94
C THR A 98 -20.04 -20.38 4.17
N GLY A 99 -20.12 -21.60 4.71
CA GLY A 99 -19.55 -22.75 4.04
C GLY A 99 -18.05 -22.90 4.17
N VAL A 100 -17.42 -22.14 5.05
CA VAL A 100 -16.00 -22.28 5.33
C VAL A 100 -15.86 -22.78 6.75
N GLU A 101 -15.17 -23.90 6.92
CA GLU A 101 -14.88 -24.41 8.26
C GLU A 101 -13.41 -24.82 8.33
N THR A 102 -13.05 -25.89 7.61
CA THR A 102 -11.70 -26.42 7.68
C THR A 102 -10.71 -25.74 6.74
N SER A 103 -11.19 -25.06 5.69
CA SER A 103 -10.33 -24.71 4.56
C SER A 103 -9.88 -23.25 4.55
N GLY A 104 -10.63 -22.36 5.18
CA GLY A 104 -10.21 -20.97 5.21
C GLY A 104 -10.15 -20.31 3.86
N GLN A 105 -10.85 -20.85 2.87
CA GLN A 105 -10.76 -20.27 1.54
C GLN A 105 -11.37 -18.88 1.52
N VAL A 106 -10.82 -18.05 0.63
CA VAL A 106 -11.30 -16.70 0.41
C VAL A 106 -11.38 -16.46 -1.10
N ARG A 107 -12.26 -15.56 -1.48
CA ARG A 107 -12.44 -15.23 -2.88
C ARG A 107 -11.36 -14.23 -3.30
N MET A 108 -10.44 -14.68 -4.13
CA MET A 108 -9.46 -13.80 -4.74
C MET A 108 -10.16 -12.74 -5.58
N LEU A 109 -9.97 -11.47 -5.22
CA LEU A 109 -10.41 -10.36 -6.05
C LEU A 109 -9.27 -9.75 -6.85
N LEU A 110 -8.03 -9.96 -6.42
CA LEU A 110 -6.88 -9.46 -7.17
C LEU A 110 -5.77 -10.47 -6.99
N ASP A 111 -5.34 -11.03 -8.10
CA ASP A 111 -4.22 -11.95 -8.18
C ASP A 111 -2.97 -11.20 -8.65
N VAL A 112 -1.81 -11.84 -8.53
CA VAL A 112 -0.55 -11.15 -8.83
C VAL A 112 -0.46 -10.85 -10.34
N ARG A 113 0.22 -9.75 -10.67
CA ARG A 113 0.41 -9.30 -12.05
C ARG A 113 1.55 -10.04 -12.75
N ASP A 114 2.60 -10.42 -12.03
CA ASP A 114 3.68 -11.20 -12.56
C ASP A 114 3.52 -12.66 -12.16
N SER A 115 3.81 -13.57 -13.09
CA SER A 115 4.04 -14.95 -12.72
C SER A 115 5.09 -15.03 -11.61
N VAL A 116 4.88 -15.95 -10.69
CA VAL A 116 5.87 -16.14 -9.64
C VAL A 116 6.48 -17.54 -9.70
N GLU A 117 6.35 -18.21 -10.84
CA GLU A 117 6.96 -19.52 -11.01
C GLU A 117 8.45 -19.43 -10.75
N ASN A 118 8.94 -20.30 -9.86
CA ASN A 118 10.37 -20.38 -9.52
C ASN A 118 10.93 -19.04 -9.03
N ARG A 119 10.16 -18.36 -8.20
CA ARG A 119 10.58 -17.12 -7.56
C ARG A 119 10.44 -17.27 -6.05
N HIS A 120 11.14 -16.39 -5.34
CA HIS A 120 11.08 -16.38 -3.88
C HIS A 120 10.05 -15.35 -3.43
N ILE A 121 9.03 -15.83 -2.72
CA ILE A 121 7.91 -15.00 -2.33
C ILE A 121 7.87 -14.88 -0.82
N LEU A 122 7.61 -13.67 -0.36
CA LEU A 122 7.36 -13.40 1.04
C LEU A 122 5.95 -12.82 1.16
N ILE A 123 5.05 -13.58 1.80
CA ILE A 123 3.71 -13.09 2.06
C ILE A 123 3.80 -12.06 3.19
N VAL A 124 3.33 -10.85 2.93
CA VAL A 124 3.40 -9.75 3.90
C VAL A 124 2.06 -9.60 4.59
N GLU A 125 2.06 -9.77 5.90
CA GLU A 125 0.86 -9.66 6.71
C GLU A 125 1.09 -8.72 7.89
N ASP A 126 0.01 -8.03 8.27
CA ASP A 126 0.02 -7.19 9.46
C ASP A 126 -0.18 -8.03 10.74
N ILE A 127 -1.18 -8.91 10.74
CA ILE A 127 -1.50 -9.82 11.83
C ILE A 127 -1.99 -11.13 11.21
N VAL A 128 -1.73 -12.24 11.90
CA VAL A 128 -2.30 -13.54 11.54
C VAL A 128 -3.60 -13.70 12.35
N ASP A 129 -4.74 -13.37 11.73
CA ASP A 129 -6.00 -13.45 12.45
C ASP A 129 -6.78 -14.73 12.17
N SER A 130 -6.38 -15.51 11.17
CA SER A 130 -6.96 -16.83 10.96
C SER A 130 -5.88 -17.72 10.38
N ALA A 131 -5.45 -18.71 11.14
CA ALA A 131 -4.41 -19.59 10.63
C ALA A 131 -4.88 -20.33 9.38
N ILE A 132 -6.15 -20.77 9.36
CA ILE A 132 -6.64 -21.50 8.19
C ILE A 132 -6.60 -20.61 6.95
N THR A 133 -7.04 -19.35 7.06
CA THR A 133 -7.01 -18.54 5.87
C THR A 133 -5.59 -18.25 5.43
N LEU A 134 -4.67 -18.10 6.38
CA LEU A 134 -3.27 -17.97 6.00
C LEU A 134 -2.81 -19.23 5.28
N GLN A 135 -3.17 -20.41 5.81
CA GLN A 135 -2.88 -21.66 5.13
C GLN A 135 -3.45 -21.66 3.71
N TYR A 136 -4.67 -21.16 3.53
CA TYR A 136 -5.26 -21.15 2.19
C TYR A 136 -4.47 -20.24 1.25
N LEU A 137 -4.17 -19.02 1.69
CA LEU A 137 -3.33 -18.12 0.91
C LEU A 137 -2.04 -18.81 0.46
N MET A 138 -1.48 -19.66 1.33
CA MET A 138 -0.22 -20.30 0.98
C MET A 138 -0.45 -21.39 -0.05
N ARG A 139 -1.44 -22.25 0.19
CA ARG A 139 -1.83 -23.22 -0.82
C ARG A 139 -2.07 -22.54 -2.16
N PHE A 140 -2.85 -21.44 -2.15
CA PHE A 140 -3.00 -20.61 -3.33
C PHE A 140 -1.64 -20.30 -3.96
N MET A 141 -0.71 -19.74 -3.15
CA MET A 141 0.57 -19.33 -3.67
C MET A 141 1.40 -20.52 -4.09
N LEU A 142 1.34 -21.61 -3.33
CA LEU A 142 2.15 -22.77 -3.65
C LEU A 142 1.74 -23.39 -4.97
N ALA A 143 0.51 -23.16 -5.43
CA ALA A 143 0.08 -23.66 -6.72
C ALA A 143 0.76 -22.93 -7.87
N LYS A 144 1.27 -21.73 -7.61
CA LYS A 144 2.07 -21.04 -8.62
C LYS A 144 3.52 -21.51 -8.64
N LYS A 145 3.81 -22.62 -7.96
CA LYS A 145 5.13 -23.27 -7.96
C LYS A 145 6.30 -22.30 -7.73
N PRO A 146 6.28 -21.53 -6.65
CA PRO A 146 7.40 -20.62 -6.39
C PRO A 146 8.65 -21.38 -5.97
N ALA A 147 9.80 -20.72 -6.13
CA ALA A 147 11.05 -21.32 -5.71
C ALA A 147 11.11 -21.45 -4.19
N SER A 148 10.62 -20.44 -3.48
CA SER A 148 10.49 -20.47 -2.03
C SER A 148 9.24 -19.70 -1.63
N LEU A 149 8.67 -20.07 -0.49
CA LEU A 149 7.55 -19.33 0.08
C LEU A 149 7.77 -19.15 1.57
N LYS A 150 7.90 -17.90 2.03
CA LYS A 150 7.97 -17.56 3.45
C LYS A 150 6.96 -16.46 3.77
N THR A 151 6.71 -16.26 5.07
CA THR A 151 5.78 -15.23 5.52
C THR A 151 6.45 -14.27 6.50
N VAL A 152 6.06 -13.00 6.45
CA VAL A 152 6.50 -12.00 7.42
C VAL A 152 5.26 -11.36 8.01
N VAL A 153 5.18 -11.37 9.34
CA VAL A 153 4.02 -10.86 10.06
C VAL A 153 4.50 -9.75 10.97
N LEU A 154 3.86 -8.58 10.88
CA LEU A 154 4.35 -7.44 11.65
C LEU A 154 4.03 -7.63 13.12
N LEU A 155 2.81 -8.00 13.42
CA LEU A 155 2.35 -8.24 14.79
C LEU A 155 2.14 -9.72 15.01
N ASP A 156 3.05 -10.35 15.76
CA ASP A 156 2.87 -11.71 16.25
C ASP A 156 2.12 -11.66 17.58
N LYS A 157 0.84 -12.05 17.56
CA LYS A 157 -0.02 -12.14 18.73
C LYS A 157 0.04 -13.54 19.33
N PRO A 158 -0.37 -13.70 20.59
CA PRO A 158 -0.34 -15.02 21.23
C PRO A 158 -0.95 -16.12 20.38
N SER A 159 -0.21 -17.23 20.24
CA SER A 159 -0.60 -18.37 19.43
C SER A 159 0.25 -19.58 19.83
N GLY A 160 -0.36 -20.75 19.76
CA GLY A 160 0.34 -21.99 19.98
C GLY A 160 1.05 -22.46 18.72
N ARG A 161 1.56 -23.69 18.78
CA ARG A 161 2.46 -24.18 17.74
C ARG A 161 1.80 -24.17 16.37
N LYS A 162 0.47 -24.32 16.31
CA LYS A 162 -0.22 -24.38 15.03
C LYS A 162 0.07 -23.14 14.19
N VAL A 163 -0.20 -21.96 14.73
CA VAL A 163 0.05 -20.72 14.00
C VAL A 163 1.55 -20.50 13.79
N GLU A 164 2.35 -20.65 14.87
CA GLU A 164 3.72 -20.18 14.86
C GLU A 164 4.55 -20.85 13.76
N VAL A 165 4.24 -22.10 13.44
CA VAL A 165 4.93 -22.79 12.33
C VAL A 165 4.61 -22.15 10.99
N LEU A 166 3.54 -21.36 10.91
CA LEU A 166 3.21 -20.68 9.67
C LEU A 166 4.02 -19.40 9.49
N VAL A 167 4.28 -18.68 10.60
CA VAL A 167 4.96 -17.38 10.53
C VAL A 167 6.46 -17.62 10.58
N ASP A 168 7.18 -16.94 9.70
CA ASP A 168 8.60 -17.12 9.55
C ASP A 168 9.39 -15.99 10.15
N TYR A 169 8.94 -14.76 9.91
CA TYR A 169 9.57 -13.54 10.39
C TYR A 169 8.53 -12.75 11.16
N PRO A 170 8.38 -12.99 12.47
CA PRO A 170 7.57 -12.10 13.30
C PRO A 170 8.39 -10.88 13.70
N VAL A 171 7.82 -9.69 13.48
CA VAL A 171 8.54 -8.43 13.72
C VAL A 171 8.40 -8.04 15.19
N ILE A 172 7.18 -7.75 15.62
CA ILE A 172 6.93 -7.38 17.01
C ILE A 172 6.01 -8.42 17.64
N THR A 173 6.52 -9.12 18.65
CA THR A 173 5.71 -9.99 19.46
C THR A 173 4.88 -9.17 20.42
N ILE A 174 3.59 -9.47 20.50
CA ILE A 174 2.62 -8.50 21.03
C ILE A 174 1.52 -9.25 21.75
N PRO A 175 0.95 -8.66 22.81
CA PRO A 175 -0.22 -9.28 23.45
C PRO A 175 -1.47 -9.09 22.62
N HIS A 176 -2.48 -9.92 22.90
CA HIS A 176 -3.71 -9.87 22.11
C HIS A 176 -4.49 -8.61 22.44
N ALA A 177 -4.78 -7.81 21.41
CA ALA A 177 -5.58 -6.61 21.59
C ALA A 177 -6.16 -6.18 20.25
N PHE A 178 -7.06 -5.19 20.30
CA PHE A 178 -7.64 -4.63 19.09
C PHE A 178 -6.77 -3.49 18.60
N VAL A 179 -6.06 -3.71 17.52
CA VAL A 179 -5.09 -2.74 17.08
C VAL A 179 -5.70 -1.87 16.00
N ILE A 180 -5.29 -0.60 16.01
CA ILE A 180 -5.52 0.32 14.91
C ILE A 180 -4.18 0.95 14.55
N GLY A 181 -4.17 1.64 13.42
CA GLY A 181 -3.01 2.38 13.00
C GLY A 181 -2.07 1.58 12.12
N TYR A 182 -1.09 2.28 11.55
CA TYR A 182 -0.05 1.69 10.72
C TYR A 182 -0.67 0.76 9.67
N GLY A 183 -1.69 1.26 8.98
CA GLY A 183 -2.39 0.50 7.97
C GLY A 183 -3.57 -0.29 8.46
N MET A 184 -3.60 -0.66 9.73
CA MET A 184 -4.67 -1.50 10.26
C MET A 184 -5.85 -0.65 10.71
N ASP A 185 -7.05 -1.24 10.62
CA ASP A 185 -8.29 -0.48 10.62
C ASP A 185 -9.22 -0.88 11.75
N TYR A 186 -10.13 0.06 12.05
CA TYR A 186 -11.39 -0.23 12.71
C TYR A 186 -12.51 0.36 11.88
N ALA A 187 -13.37 -0.51 11.34
CA ALA A 187 -14.49 -0.09 10.49
C ALA A 187 -13.99 0.78 9.35
N GLU A 188 -12.85 0.38 8.80
CA GLU A 188 -12.13 1.05 7.72
C GLU A 188 -11.49 2.36 8.17
N SER A 189 -11.60 2.72 9.45
CA SER A 189 -10.98 3.93 9.97
C SER A 189 -9.67 3.61 10.70
N TYR A 190 -8.80 4.62 10.75
CA TYR A 190 -7.59 4.73 11.56
C TYR A 190 -6.38 4.07 10.94
N ARG A 191 -6.44 3.63 9.67
CA ARG A 191 -5.25 3.07 9.03
C ARG A 191 -4.13 4.10 8.95
N GLU A 192 -4.45 5.38 8.93
CA GLU A 192 -3.46 6.42 8.67
C GLU A 192 -2.62 6.79 9.89
N LEU A 193 -2.94 6.23 11.06
CA LEU A 193 -2.18 6.54 12.28
C LEU A 193 -0.73 6.06 12.18
N ARG A 194 0.20 6.89 12.68
CA ARG A 194 1.63 6.60 12.61
C ARG A 194 2.03 5.55 13.62
N ASP A 195 1.33 5.44 14.74
CA ASP A 195 1.64 4.47 15.79
C ASP A 195 0.62 3.33 15.75
N ILE A 196 1.01 2.19 16.32
CA ILE A 196 0.08 1.07 16.52
C ILE A 196 -0.59 1.26 17.86
N CYS A 197 -1.92 1.35 17.84
CA CYS A 197 -2.68 1.67 19.03
C CYS A 197 -3.67 0.57 19.38
N VAL A 198 -4.11 0.62 20.63
CA VAL A 198 -5.20 -0.19 21.14
C VAL A 198 -6.46 0.67 21.13
N LEU A 199 -7.51 0.15 20.49
CA LEU A 199 -8.77 0.89 20.43
C LEU A 199 -9.42 0.95 21.80
N LYS A 200 -9.81 2.16 22.21
CA LYS A 200 -10.55 2.31 23.45
C LYS A 200 -11.89 1.59 23.33
N LYS A 201 -12.32 0.96 24.43
CA LYS A 201 -13.57 0.20 24.44
C LYS A 201 -14.72 1.03 23.85
N GLU A 202 -14.93 2.23 24.36
CA GLU A 202 -15.85 3.18 23.76
C GLU A 202 -15.24 3.65 22.44
N TYR A 203 -15.38 2.81 21.42
CA TYR A 203 -14.74 2.98 20.11
C TYR A 203 -14.69 4.43 19.62
N SER B 23 23.59 3.22 -13.28
CA SER B 23 23.13 3.92 -14.47
C SER B 23 21.90 4.77 -14.15
N ALA B 24 21.77 5.12 -12.87
CA ALA B 24 20.70 5.97 -12.37
C ALA B 24 21.29 7.10 -11.53
N HIS B 25 20.69 8.28 -11.63
CA HIS B 25 21.08 9.44 -10.85
C HIS B 25 19.91 9.89 -9.97
N THR B 26 20.23 10.34 -8.76
CA THR B 26 19.18 10.76 -7.83
C THR B 26 18.51 12.03 -8.32
N LEU B 27 17.17 12.04 -8.27
CA LEU B 27 16.39 13.23 -8.60
C LEU B 27 15.79 13.88 -7.37
N VAL B 28 15.19 13.08 -6.50
CA VAL B 28 14.63 13.68 -5.26
C VAL B 28 14.97 12.75 -4.12
N THR B 29 15.41 13.29 -3.00
CA THR B 29 15.70 12.36 -1.90
C THR B 29 14.45 12.20 -1.05
N GLN B 30 14.43 11.18 -0.22
CA GLN B 30 13.31 10.87 0.68
C GLN B 30 12.90 12.09 1.50
N GLU B 31 13.87 12.82 2.04
CA GLU B 31 13.58 14.03 2.87
C GLU B 31 12.96 15.11 2.01
N GLN B 32 13.34 15.21 0.75
CA GLN B 32 12.71 16.19 -0.15
C GLN B 32 11.27 15.74 -0.41
N VAL B 33 11.07 14.49 -0.84
CA VAL B 33 9.72 13.97 -1.10
C VAL B 33 8.85 14.18 0.13
N TRP B 34 9.38 13.82 1.31
CA TRP B 34 8.66 14.02 2.55
C TRP B 34 8.36 15.49 2.78
N ALA B 35 9.36 16.35 2.58
CA ALA B 35 9.15 17.78 2.76
C ALA B 35 8.03 18.27 1.88
N ALA B 36 8.01 17.85 0.61
CA ALA B 36 6.97 18.29 -0.31
C ALA B 36 5.61 17.70 0.09
N THR B 37 5.56 16.40 0.38
CA THR B 37 4.30 15.76 0.76
C THR B 37 3.70 16.40 2.01
N ALA B 38 4.55 16.84 2.94
CA ALA B 38 4.04 17.45 4.17
C ALA B 38 3.43 18.81 3.91
N LYS B 39 4.03 19.61 3.02
CA LYS B 39 3.40 20.87 2.58
C LYS B 39 2.06 20.57 1.91
N CYS B 40 2.02 19.55 1.05
CA CYS B 40 0.78 19.16 0.41
C CYS B 40 -0.28 18.78 1.44
N ALA B 41 0.11 18.04 2.47
CA ALA B 41 -0.85 17.60 3.49
C ALA B 41 -1.49 18.79 4.21
N LYS B 42 -0.70 19.79 4.61
CA LYS B 42 -1.26 20.99 5.20
C LYS B 42 -2.18 21.72 4.22
N LYS B 43 -1.77 21.82 2.95
CA LYS B 43 -2.60 22.50 1.96
C LYS B 43 -3.93 21.79 1.78
N ILE B 44 -3.90 20.46 1.70
CA ILE B 44 -5.13 19.66 1.67
C ILE B 44 -5.95 19.93 2.93
N ALA B 45 -5.33 19.80 4.10
CA ALA B 45 -6.04 19.98 5.37
C ALA B 45 -6.79 21.30 5.43
N GLU B 46 -6.16 22.38 4.96
CA GLU B 46 -6.83 23.68 5.03
C GLU B 46 -7.92 23.82 3.97
N ASP B 47 -7.81 23.10 2.86
CA ASP B 47 -8.84 23.23 1.83
C ASP B 47 -10.13 22.54 2.26
N TYR B 48 -10.01 21.37 2.88
CA TYR B 48 -11.16 20.60 3.36
C TYR B 48 -11.63 21.01 4.76
N ARG B 49 -11.06 22.06 5.35
CA ARG B 49 -11.57 22.57 6.61
C ARG B 49 -13.06 22.93 6.50
N SER B 50 -13.44 23.59 5.41
CA SER B 50 -14.81 24.04 5.24
C SER B 50 -15.82 22.91 5.13
N PHE B 51 -15.36 21.66 5.11
CA PHE B 51 -16.25 20.52 4.93
C PHE B 51 -16.58 19.81 6.24
N LYS B 52 -15.86 20.11 7.31
CA LYS B 52 -16.07 19.45 8.60
C LYS B 52 -16.05 17.93 8.43
N LEU B 53 -14.87 17.43 8.04
CA LEU B 53 -14.72 16.00 7.87
C LEU B 53 -14.69 15.30 9.22
N THR B 54 -15.15 14.06 9.24
CA THR B 54 -15.22 13.28 10.46
C THR B 54 -14.78 11.87 10.10
N THR B 55 -14.83 10.96 11.07
CA THR B 55 -14.51 9.57 10.74
C THR B 55 -15.67 8.90 10.02
N ASP B 56 -16.90 9.34 10.27
CA ASP B 56 -18.00 8.80 9.49
C ASP B 56 -18.12 9.48 8.12
N ASN B 57 -17.42 10.59 7.90
CA ASN B 57 -17.36 11.27 6.61
C ASN B 57 -15.94 11.74 6.33
N PRO B 58 -15.05 10.82 5.99
CA PRO B 58 -13.64 11.19 5.86
C PRO B 58 -13.23 11.54 4.43
N LEU B 59 -11.95 11.89 4.28
CA LEU B 59 -11.32 11.97 2.98
C LEU B 59 -10.86 10.57 2.59
N TYR B 60 -11.38 10.07 1.45
CA TYR B 60 -11.00 8.75 0.94
C TYR B 60 -9.80 8.91 0.02
N LEU B 61 -8.72 8.20 0.33
CA LEU B 61 -7.55 8.16 -0.53
C LEU B 61 -7.67 6.98 -1.48
N LEU B 62 -7.75 7.28 -2.76
CA LEU B 62 -7.92 6.27 -3.80
C LEU B 62 -6.57 5.94 -4.42
N CYS B 63 -5.95 4.86 -3.94
CA CYS B 63 -4.59 4.53 -4.34
C CYS B 63 -4.59 3.68 -5.61
N VAL B 64 -4.00 4.22 -6.68
CA VAL B 64 -3.98 3.54 -7.98
C VAL B 64 -2.74 2.64 -8.03
N LEU B 65 -2.95 1.33 -7.90
CA LEU B 65 -1.85 0.38 -7.89
C LEU B 65 -1.17 0.29 -9.25
N LYS B 66 0.09 -0.14 -9.26
CA LYS B 66 0.91 -0.34 -8.07
C LYS B 66 1.63 0.94 -7.66
N GLY B 67 1.96 1.79 -8.63
CA GLY B 67 2.99 2.81 -8.45
C GLY B 67 2.74 3.80 -7.32
N SER B 68 1.52 3.95 -6.88
CA SER B 68 1.16 4.92 -5.86
C SER B 68 1.26 4.39 -4.43
N PHE B 69 1.58 3.11 -4.21
CA PHE B 69 1.33 2.57 -2.88
C PHE B 69 2.26 3.17 -1.83
N ILE B 70 3.51 3.44 -2.17
CA ILE B 70 4.38 4.04 -1.18
C ILE B 70 4.01 5.50 -0.94
N PHE B 71 3.64 6.23 -2.01
CA PHE B 71 3.18 7.61 -1.83
C PHE B 71 1.97 7.65 -0.91
N THR B 72 0.98 6.79 -1.19
CA THR B 72 -0.24 6.73 -0.41
C THR B 72 0.07 6.46 1.07
N ALA B 73 0.94 5.48 1.33
CA ALA B 73 1.30 5.15 2.70
C ALA B 73 1.92 6.35 3.42
N ASP B 74 2.81 7.09 2.75
CA ASP B 74 3.41 8.22 3.41
C ASP B 74 2.43 9.38 3.49
N LEU B 75 1.65 9.61 2.42
CA LEU B 75 0.74 10.75 2.43
C LEU B 75 -0.33 10.59 3.50
N ALA B 76 -0.87 9.37 3.63
CA ALA B 76 -1.85 9.09 4.69
C ALA B 76 -1.34 9.54 6.05
N ARG B 77 -0.11 9.13 6.39
CA ARG B 77 0.42 9.45 7.72
C ARG B 77 0.70 10.93 7.86
N PHE B 78 1.09 11.61 6.78
CA PHE B 78 1.16 13.08 6.81
C PHE B 78 -0.22 13.70 7.00
N LEU B 79 -1.24 13.10 6.37
CA LEU B 79 -2.60 13.57 6.60
C LEU B 79 -3.05 13.31 8.04
N ALA B 80 -2.56 12.22 8.65
CA ALA B 80 -2.81 12.01 10.07
C ALA B 80 -2.16 13.09 10.92
N ASP B 81 -0.95 13.50 10.55
CA ASP B 81 -0.29 14.61 11.23
C ASP B 81 -1.13 15.86 11.22
N GLU B 82 -1.92 16.06 10.17
CA GLU B 82 -2.78 17.23 10.08
C GLU B 82 -4.11 17.05 10.77
N GLY B 83 -4.38 15.89 11.36
CA GLY B 83 -5.71 15.68 11.91
C GLY B 83 -6.80 15.55 10.88
N VAL B 84 -6.44 15.17 9.65
CA VAL B 84 -7.43 14.82 8.63
C VAL B 84 -7.85 13.37 8.83
N PRO B 85 -9.13 13.06 8.87
CA PRO B 85 -9.56 11.64 8.91
C PRO B 85 -9.48 11.01 7.54
N VAL B 86 -8.98 9.78 7.50
CA VAL B 86 -8.63 9.12 6.24
C VAL B 86 -9.23 7.71 6.18
N LYS B 87 -9.81 7.37 5.05
CA LYS B 87 -10.05 5.99 4.64
C LYS B 87 -9.25 5.73 3.36
N VAL B 88 -8.84 4.49 3.15
CA VAL B 88 -7.90 4.16 2.09
C VAL B 88 -8.54 3.10 1.19
N GLU B 89 -8.74 3.44 -0.08
CA GLU B 89 -9.23 2.49 -1.08
C GLU B 89 -8.17 2.22 -2.13
N PHE B 90 -8.20 1.02 -2.71
CA PHE B 90 -7.26 0.65 -3.76
C PHE B 90 -8.03 0.27 -5.02
N ILE B 91 -7.48 0.69 -6.16
CA ILE B 91 -7.98 0.23 -7.46
C ILE B 91 -6.81 -0.20 -8.31
N CYS B 92 -7.02 -1.22 -9.13
CA CYS B 92 -5.99 -1.72 -10.02
C CYS B 92 -6.63 -1.97 -11.37
N ALA B 93 -5.99 -1.49 -12.42
CA ALA B 93 -6.56 -1.55 -13.75
C ALA B 93 -5.47 -1.91 -14.75
N SER B 94 -5.88 -2.59 -15.83
CA SER B 94 -4.96 -3.10 -16.82
C SER B 94 -5.26 -2.45 -18.16
N SER B 95 -4.21 -2.15 -18.90
CA SER B 95 -4.34 -1.48 -20.18
C SER B 95 -4.81 -2.45 -21.26
N TYR B 96 -5.59 -1.94 -22.20
CA TYR B 96 -6.04 -2.76 -23.30
C TYR B 96 -4.97 -2.78 -24.38
N GLY B 97 -4.82 -3.94 -25.04
CA GLY B 97 -3.86 -4.04 -26.11
C GLY B 97 -4.24 -3.26 -27.35
N THR B 98 -5.54 -3.23 -27.68
CA THR B 98 -6.00 -2.56 -28.88
C THR B 98 -7.39 -2.01 -28.64
N GLY B 99 -7.78 -1.06 -29.48
CA GLY B 99 -9.13 -0.52 -29.47
C GLY B 99 -9.36 0.66 -28.55
N VAL B 100 -8.33 1.27 -27.98
CA VAL B 100 -8.49 2.48 -27.20
C VAL B 100 -7.84 3.62 -27.97
N GLU B 101 -8.65 4.61 -28.34
CA GLU B 101 -8.16 5.78 -29.05
C GLU B 101 -8.37 7.06 -28.24
N THR B 102 -9.62 7.40 -27.90
CA THR B 102 -9.94 8.69 -27.32
C THR B 102 -10.48 8.63 -25.89
N SER B 103 -10.54 7.46 -25.26
CA SER B 103 -11.31 7.35 -24.04
C SER B 103 -10.54 6.90 -22.82
N GLY B 104 -9.30 6.42 -22.98
CA GLY B 104 -8.51 6.02 -21.84
C GLY B 104 -9.03 4.82 -21.10
N GLN B 105 -9.98 4.11 -21.70
CA GLN B 105 -10.51 2.88 -21.12
C GLN B 105 -9.39 1.99 -20.62
N VAL B 106 -9.51 1.58 -19.36
CA VAL B 106 -8.71 0.48 -18.83
C VAL B 106 -9.67 -0.52 -18.20
N ARG B 107 -9.25 -1.78 -18.17
CA ARG B 107 -10.04 -2.84 -17.56
C ARG B 107 -9.83 -2.83 -16.04
N MET B 108 -10.92 -2.69 -15.30
CA MET B 108 -10.82 -2.64 -13.85
C MET B 108 -10.64 -4.04 -13.31
N LEU B 109 -9.58 -4.23 -12.53
CA LEU B 109 -9.36 -5.50 -11.85
C LEU B 109 -9.77 -5.46 -10.39
N LEU B 110 -9.48 -4.36 -9.70
CA LEU B 110 -9.87 -4.19 -8.31
C LEU B 110 -10.59 -2.86 -8.14
N ASP B 111 -11.79 -2.92 -7.55
CA ASP B 111 -12.67 -1.79 -7.34
C ASP B 111 -12.84 -1.58 -5.84
N VAL B 112 -13.43 -0.44 -5.47
CA VAL B 112 -13.40 0.00 -4.08
C VAL B 112 -14.25 -0.94 -3.24
N ARG B 113 -13.76 -1.23 -2.03
CA ARG B 113 -14.47 -2.08 -1.09
C ARG B 113 -15.66 -1.37 -0.48
N ASP B 114 -15.55 -0.07 -0.25
CA ASP B 114 -16.62 0.73 0.33
C ASP B 114 -17.35 1.50 -0.76
N SER B 115 -18.66 1.67 -0.58
CA SER B 115 -19.36 2.67 -1.38
C SER B 115 -18.71 4.04 -1.18
N VAL B 116 -18.69 4.86 -2.24
CA VAL B 116 -18.22 6.23 -2.10
C VAL B 116 -19.31 7.24 -2.39
N GLU B 117 -20.57 6.82 -2.42
CA GLU B 117 -21.67 7.74 -2.63
C GLU B 117 -21.59 8.87 -1.62
N ASN B 118 -21.59 10.10 -2.13
CA ASN B 118 -21.64 11.30 -1.31
C ASN B 118 -20.40 11.44 -0.42
N ARG B 119 -19.29 10.86 -0.82
CA ARG B 119 -18.05 10.88 -0.06
C ARG B 119 -16.96 11.63 -0.81
N HIS B 120 -15.91 12.01 -0.09
CA HIS B 120 -14.87 12.88 -0.63
C HIS B 120 -13.66 12.07 -1.05
N ILE B 121 -13.37 12.10 -2.34
CA ILE B 121 -12.38 11.21 -2.92
C ILE B 121 -11.19 12.03 -3.38
N LEU B 122 -10.01 11.47 -3.17
CA LEU B 122 -8.75 12.03 -3.62
C LEU B 122 -8.02 10.94 -4.38
N ILE B 123 -7.94 11.05 -5.70
CA ILE B 123 -7.20 10.07 -6.49
C ILE B 123 -5.71 10.31 -6.30
N VAL B 124 -5.00 9.29 -5.85
CA VAL B 124 -3.58 9.37 -5.53
C VAL B 124 -2.78 8.77 -6.68
N GLU B 125 -2.12 9.61 -7.46
CA GLU B 125 -1.26 9.12 -8.51
C GLU B 125 0.20 9.48 -8.22
N ASP B 126 1.10 8.67 -8.79
CA ASP B 126 2.53 8.95 -8.74
C ASP B 126 2.94 9.90 -9.86
N ILE B 127 2.32 9.75 -11.03
CA ILE B 127 2.66 10.55 -12.21
C ILE B 127 1.59 10.31 -13.26
N VAL B 128 1.23 11.35 -14.00
CA VAL B 128 0.15 11.29 -14.98
C VAL B 128 0.78 10.83 -16.29
N ASP B 129 0.74 9.52 -16.55
CA ASP B 129 1.26 9.00 -17.81
C ASP B 129 0.34 9.34 -18.97
N SER B 130 -0.97 9.37 -18.73
CA SER B 130 -1.94 9.52 -19.80
C SER B 130 -3.06 10.39 -19.28
N ALA B 131 -3.15 11.61 -19.78
CA ALA B 131 -4.30 12.46 -19.47
C ALA B 131 -5.60 11.71 -19.67
N ILE B 132 -5.81 11.20 -20.90
CA ILE B 132 -7.08 10.57 -21.23
C ILE B 132 -7.37 9.38 -20.31
N THR B 133 -6.35 8.61 -19.94
CA THR B 133 -6.60 7.51 -19.00
C THR B 133 -6.93 8.05 -17.61
N LEU B 134 -6.34 9.17 -17.23
CA LEU B 134 -6.75 9.78 -15.98
C LEU B 134 -8.21 10.21 -16.03
N GLN B 135 -8.62 10.87 -17.12
CA GLN B 135 -10.02 11.26 -17.24
C GLN B 135 -10.94 10.06 -17.21
N TYR B 136 -10.53 8.93 -17.77
CA TYR B 136 -11.38 7.76 -17.71
C TYR B 136 -11.60 7.34 -16.27
N LEU B 137 -10.51 7.20 -15.50
CA LEU B 137 -10.66 6.84 -14.09
C LEU B 137 -11.54 7.83 -13.36
N MET B 138 -11.43 9.11 -13.72
CA MET B 138 -12.26 10.14 -13.12
C MET B 138 -13.73 9.93 -13.47
N ARG B 139 -14.01 9.57 -14.72
CA ARG B 139 -15.37 9.25 -15.13
C ARG B 139 -15.88 8.01 -14.41
N PHE B 140 -15.00 7.02 -14.20
CA PHE B 140 -15.39 5.83 -13.47
C PHE B 140 -15.79 6.18 -12.04
N MET B 141 -14.99 7.00 -11.34
CA MET B 141 -15.36 7.41 -9.99
C MET B 141 -16.58 8.32 -10.02
N LEU B 142 -16.66 9.22 -10.99
CA LEU B 142 -17.81 10.12 -11.02
C LEU B 142 -19.12 9.34 -11.16
N ALA B 143 -19.07 8.19 -11.84
CA ALA B 143 -20.25 7.33 -11.90
C ALA B 143 -20.72 6.90 -10.52
N LYS B 144 -19.84 6.94 -9.53
CA LYS B 144 -20.17 6.51 -8.17
C LYS B 144 -20.70 7.66 -7.32
N LYS B 145 -21.11 8.76 -7.92
CA LYS B 145 -21.77 9.87 -7.24
C LYS B 145 -21.03 10.35 -5.98
N PRO B 146 -19.76 10.73 -6.09
CA PRO B 146 -19.06 11.26 -4.92
C PRO B 146 -19.42 12.72 -4.65
N ALA B 147 -19.25 13.10 -3.39
CA ALA B 147 -19.45 14.50 -3.00
C ALA B 147 -18.45 15.41 -3.70
N SER B 148 -17.19 14.98 -3.75
CA SER B 148 -16.15 15.71 -4.48
C SER B 148 -15.14 14.70 -5.02
N LEU B 149 -14.60 15.02 -6.20
CA LEU B 149 -13.49 14.28 -6.78
C LEU B 149 -12.31 15.23 -7.00
N LYS B 150 -11.18 14.93 -6.38
CA LYS B 150 -9.96 15.71 -6.57
C LYS B 150 -8.77 14.75 -6.69
N THR B 151 -7.61 15.31 -7.06
CA THR B 151 -6.49 14.49 -7.48
C THR B 151 -5.17 15.04 -6.92
N VAL B 152 -4.26 14.12 -6.59
CA VAL B 152 -2.96 14.51 -6.06
C VAL B 152 -1.90 13.66 -6.74
N VAL B 153 -1.01 14.30 -7.50
CA VAL B 153 -0.02 13.60 -8.31
C VAL B 153 1.37 13.91 -7.78
N LEU B 154 2.08 12.86 -7.38
CA LEU B 154 3.38 13.03 -6.77
C LEU B 154 4.30 13.85 -7.65
N LEU B 155 4.57 13.36 -8.84
CA LEU B 155 5.43 14.03 -9.80
C LEU B 155 4.57 14.74 -10.83
N ASP B 156 4.85 16.02 -11.03
CA ASP B 156 4.19 16.81 -12.07
C ASP B 156 5.25 17.38 -12.99
N LYS B 157 5.27 16.92 -14.24
CA LYS B 157 6.00 17.65 -15.27
C LYS B 157 5.06 18.67 -15.90
N PRO B 158 5.37 19.97 -15.86
CA PRO B 158 4.48 21.02 -16.37
C PRO B 158 4.17 20.91 -17.87
N ARG B 161 1.15 20.50 -19.51
CA ARG B 161 0.50 21.33 -20.52
C ARG B 161 -0.89 21.79 -20.08
N LYS B 162 -1.87 21.68 -20.98
CA LYS B 162 -3.24 22.04 -20.68
C LYS B 162 -4.01 20.92 -19.97
N VAL B 163 -3.34 19.84 -19.58
CA VAL B 163 -3.94 18.82 -18.73
C VAL B 163 -3.47 18.95 -17.28
N GLU B 164 -2.75 20.03 -16.95
CA GLU B 164 -2.64 20.47 -15.58
C GLU B 164 -4.01 20.83 -15.00
N VAL B 165 -4.98 21.12 -15.86
CA VAL B 165 -6.34 21.34 -15.41
C VAL B 165 -6.91 20.11 -14.71
N LEU B 166 -6.32 18.94 -14.96
CA LEU B 166 -6.80 17.74 -14.29
C LEU B 166 -6.13 17.49 -12.94
N VAL B 167 -5.06 18.19 -12.60
CA VAL B 167 -4.25 17.90 -11.40
C VAL B 167 -4.41 19.03 -10.39
N ASP B 168 -4.98 18.69 -9.24
CA ASP B 168 -5.30 19.63 -8.16
C ASP B 168 -4.13 19.87 -7.22
N TYR B 169 -3.46 18.80 -6.78
CA TYR B 169 -2.37 18.86 -5.82
C TYR B 169 -1.13 18.24 -6.43
N PRO B 170 -0.41 18.98 -7.27
CA PRO B 170 0.91 18.50 -7.73
C PRO B 170 1.94 18.72 -6.62
N VAL B 171 2.53 17.62 -6.16
CA VAL B 171 3.41 17.69 -5.00
C VAL B 171 4.76 18.28 -5.38
N ILE B 172 5.43 17.66 -6.36
CA ILE B 172 6.77 18.10 -6.73
C ILE B 172 6.90 18.17 -8.25
N THR B 173 7.49 19.26 -8.74
CA THR B 173 7.67 19.54 -10.15
C THR B 173 9.05 19.05 -10.59
N ILE B 174 9.08 18.41 -11.76
CA ILE B 174 10.30 17.78 -12.28
C ILE B 174 10.32 17.95 -13.80
N PRO B 175 11.49 17.82 -14.42
CA PRO B 175 11.57 17.90 -15.88
C PRO B 175 11.18 16.57 -16.53
N HIS B 176 10.95 16.63 -17.84
CA HIS B 176 10.51 15.44 -18.57
C HIS B 176 11.56 14.34 -18.45
N ALA B 177 11.20 13.24 -17.79
CA ALA B 177 12.17 12.19 -17.46
C ALA B 177 11.47 10.90 -17.07
N PHE B 178 12.15 9.78 -17.34
CA PHE B 178 11.70 8.45 -16.94
C PHE B 178 12.26 8.16 -15.55
N VAL B 179 11.38 8.05 -14.56
CA VAL B 179 11.77 8.03 -13.15
C VAL B 179 11.53 6.65 -12.56
N ILE B 180 12.23 6.37 -11.46
CA ILE B 180 12.07 5.13 -10.71
C ILE B 180 12.19 5.43 -9.21
N GLY B 181 11.90 4.41 -8.42
CA GLY B 181 11.99 4.49 -6.97
C GLY B 181 10.72 4.99 -6.33
N TYR B 182 10.66 4.84 -5.01
CA TYR B 182 9.54 5.36 -4.22
C TYR B 182 8.22 4.84 -4.77
N GLY B 183 8.16 3.52 -4.96
CA GLY B 183 7.00 2.84 -5.47
C GLY B 183 6.94 2.72 -6.98
N MET B 184 7.70 3.52 -7.69
CA MET B 184 7.64 3.56 -9.14
C MET B 184 8.68 2.62 -9.74
N ASP B 185 8.30 1.95 -10.82
CA ASP B 185 9.09 0.88 -11.38
C ASP B 185 9.64 1.25 -12.74
N TYR B 186 10.69 0.52 -13.11
CA TYR B 186 11.02 0.24 -14.51
C TYR B 186 11.00 -1.28 -14.60
N ALA B 187 10.02 -1.82 -15.34
CA ALA B 187 9.88 -3.29 -15.51
C ALA B 187 9.69 -4.04 -14.18
N GLU B 188 8.85 -3.48 -13.30
CA GLU B 188 8.54 -4.02 -11.96
C GLU B 188 9.71 -3.94 -10.98
N SER B 189 10.90 -3.61 -11.45
CA SER B 189 12.04 -3.42 -10.56
C SER B 189 12.06 -2.00 -9.99
N TYR B 190 12.76 -1.84 -8.86
CA TYR B 190 13.15 -0.57 -8.21
C TYR B 190 12.04 0.16 -7.47
N ARG B 191 10.86 -0.42 -7.28
CA ARG B 191 9.84 0.27 -6.49
C ARG B 191 10.31 0.54 -5.07
N GLU B 192 11.29 -0.22 -4.58
CA GLU B 192 11.66 -0.26 -3.18
C GLU B 192 12.64 0.82 -2.75
N LEU B 193 13.16 1.62 -3.69
CA LEU B 193 14.17 2.62 -3.38
C LEU B 193 13.59 3.82 -2.63
N ARG B 194 14.36 4.34 -1.67
CA ARG B 194 13.87 5.44 -0.82
C ARG B 194 13.84 6.77 -1.57
N ASP B 195 14.81 6.99 -2.44
CA ASP B 195 14.92 8.23 -3.22
C ASP B 195 14.37 8.02 -4.63
N ILE B 196 13.89 9.11 -5.24
CA ILE B 196 13.41 9.06 -6.61
C ILE B 196 14.58 9.34 -7.53
N CYS B 197 14.83 8.44 -8.47
CA CYS B 197 15.95 8.59 -9.37
C CYS B 197 15.46 8.67 -10.82
N VAL B 198 16.37 9.06 -11.72
CA VAL B 198 16.08 9.10 -13.14
C VAL B 198 17.08 8.21 -13.89
N LEU B 199 16.71 7.85 -15.12
CA LEU B 199 17.54 7.01 -15.99
C LEU B 199 18.04 7.73 -17.23
MG MG C . -9.73 -5.11 8.99
BA BA D . -4.05 -8.76 7.18
P PO4 E . -8.09 -5.53 6.02
O1 PO4 E . -8.56 -6.94 5.80
O2 PO4 E . -7.93 -4.81 4.71
O3 PO4 E . -9.13 -4.81 6.86
O4 PO4 E . -6.76 -5.58 6.69
C1 PEG F . -2.06 -4.43 -14.21
O1 PEG F . -2.19 -5.04 -12.91
C2 PEG F . -1.64 -5.43 -15.32
O2 PEG F . -1.13 -4.85 -16.54
C3 PEG F . -0.55 -3.54 -16.44
C4 PEG F . -1.35 -2.49 -17.23
O4 PEG F . -1.12 -1.17 -16.74
C1 PEG G . -13.47 -8.49 3.35
O1 PEG G . -13.52 -9.52 4.36
C2 PEG G . -14.78 -8.43 2.53
O2 PEG G . -14.63 -7.67 1.31
C3 PEG G . -13.45 -6.84 1.25
C4 PEG G . -12.53 -7.10 0.05
O4 PEG G . -11.71 -5.96 -0.32
MG MG H . 5.27 1.43 -14.67
BA BA I . 0.51 5.60 -11.75
P PO4 J . 2.19 0.89 -12.32
O1 PO4 J . 1.06 1.29 -13.23
O2 PO4 J . 1.72 -0.21 -11.41
O3 PO4 J . 2.53 2.08 -11.47
O4 PO4 J . 3.40 0.43 -13.11
O1 PG4 K . 8.96 11.31 8.88
C1 PG4 K . 7.68 10.97 8.40
C2 PG4 K . 7.77 10.12 7.13
O2 PG4 K . 6.49 9.62 6.86
C3 PG4 K . 6.43 8.43 6.12
C4 PG4 K . 7.14 7.28 6.85
O3 PG4 K . 8.13 6.73 5.99
C5 PG4 K . 8.81 5.61 6.52
C6 PG4 K . 10.07 5.28 5.71
O4 PG4 K . 10.75 4.21 6.33
C7 PG4 K . 11.30 4.51 7.59
C8 PG4 K . 12.70 5.09 7.42
O5 PG4 K . 13.19 5.62 8.62
CL CL L . 23.32 10.74 -7.48
CL CL M . 8.46 21.34 -6.77
#